data_7QS5
#
_entry.id   7QS5
#
_cell.length_a   135.392
_cell.length_b   135.392
_cell.length_c   35.800
_cell.angle_alpha   90.000
_cell.angle_beta   90.000
_cell.angle_gamma   90.000
#
_symmetry.space_group_name_H-M   'I 41'
#
loop_
_entity.id
_entity.type
_entity.pdbx_description
1 polymer 'Tripartite motif-containing protein 67'
2 non-polymer 1,2-ETHANEDIOL
3 water water
#
_entity_poly.entity_id   1
_entity_poly.type   'polypeptide(L)'
_entity_poly.pdbx_seq_one_letter_code
;SMDVAWFTFDPNSGHRDIILSNDNQTATCSSYDDRVVLGTAAFSKGVHYWELHVDRYDNHPDPAFGVARASVVKDMMLGK
DDKAWAMYVDNNRSWFMHCNSHTNRTEGGVCKGATVGVLLDLNKHTLTFFINGQQQGPTAFSHVDGVFMPALSLNRNVQV
TLHTGLEVPTNLGRPKLSGN
;
_entity_poly.pdbx_strand_id   A,B
#
# COMPACT_ATOMS: atom_id res chain seq x y z
N TRP A 6 -17.06 22.00 -4.78
CA TRP A 6 -18.35 21.51 -4.27
C TRP A 6 -18.72 20.21 -5.01
N PHE A 7 -19.12 19.18 -4.30
CA PHE A 7 -19.67 17.97 -4.94
C PHE A 7 -20.61 17.31 -3.95
N THR A 8 -21.40 16.36 -4.44
CA THR A 8 -22.25 15.52 -3.60
C THR A 8 -21.93 14.05 -3.89
N PHE A 9 -22.61 13.17 -3.21
CA PHE A 9 -22.64 11.74 -3.60
C PHE A 9 -23.36 11.65 -4.93
N ASP A 10 -22.88 10.77 -5.76
CA ASP A 10 -23.42 10.53 -7.10
C ASP A 10 -24.39 9.38 -7.02
N PRO A 11 -25.70 9.62 -7.21
CA PRO A 11 -26.67 8.55 -7.07
C PRO A 11 -26.52 7.50 -8.19
N ASN A 12 -25.76 7.80 -9.25
CA ASN A 12 -25.56 6.88 -10.42
C ASN A 12 -24.24 6.11 -10.30
N SER A 13 -23.46 6.41 -9.29
CA SER A 13 -22.12 5.82 -9.02
C SER A 13 -22.26 4.66 -8.03
N GLY A 14 -23.32 4.66 -7.27
CA GLY A 14 -23.34 3.90 -6.02
C GLY A 14 -23.83 2.48 -6.28
N HIS A 15 -23.42 1.56 -5.45
CA HIS A 15 -24.12 0.26 -5.31
C HIS A 15 -25.60 0.52 -5.04
N ARG A 16 -26.47 -0.36 -5.50
CA ARG A 16 -27.92 -0.16 -5.30
C ARG A 16 -28.27 -0.18 -3.80
N ASP A 17 -27.45 -0.77 -2.93
CA ASP A 17 -27.78 -0.83 -1.48
C ASP A 17 -27.46 0.50 -0.80
N ILE A 18 -26.73 1.39 -1.46
CA ILE A 18 -26.46 2.74 -0.89
C ILE A 18 -27.77 3.52 -0.81
N ILE A 19 -27.97 4.23 0.28
CA ILE A 19 -29.13 5.08 0.54
C ILE A 19 -28.63 6.52 0.66
N LEU A 20 -29.03 7.36 -0.27
CA LEU A 20 -28.66 8.81 -0.21
C LEU A 20 -29.81 9.63 0.31
N SER A 21 -29.47 10.71 0.99
CA SER A 21 -30.47 11.61 1.56
C SER A 21 -29.87 13.01 1.62
N ASN A 22 -30.70 14.00 1.97
CA ASN A 22 -30.19 15.35 2.29
C ASN A 22 -29.55 15.93 1.03
N ASP A 23 -30.28 15.96 -0.08
CA ASP A 23 -29.77 16.54 -1.36
CA ASP A 23 -29.77 16.55 -1.33
C ASP A 23 -28.47 15.82 -1.71
N ASN A 24 -28.43 14.50 -1.46
CA ASN A 24 -27.30 13.64 -1.85
C ASN A 24 -26.02 14.02 -1.08
N GLN A 25 -26.17 14.63 0.09
CA GLN A 25 -25.02 14.99 0.95
C GLN A 25 -24.81 13.91 2.00
N THR A 26 -25.77 13.03 2.18
CA THR A 26 -25.75 12.07 3.28
C THR A 26 -25.87 10.67 2.68
N ALA A 27 -25.09 9.74 3.21
CA ALA A 27 -25.12 8.34 2.75
C ALA A 27 -25.22 7.39 3.93
N THR A 28 -25.98 6.34 3.74
CA THR A 28 -25.88 5.10 4.51
C THR A 28 -26.10 3.94 3.54
N CYS A 29 -26.43 2.78 4.07
CA CYS A 29 -26.50 1.56 3.26
C CYS A 29 -27.53 0.64 3.89
N SER A 30 -28.21 -0.17 3.09
CA SER A 30 -29.21 -1.11 3.57
C SER A 30 -28.53 -2.41 4.03
N SER A 31 -27.32 -2.67 3.57
CA SER A 31 -26.62 -3.97 3.75
C SER A 31 -25.71 -3.93 5.00
N TYR A 32 -25.49 -5.08 5.64
CA TYR A 32 -24.37 -5.21 6.62
C TYR A 32 -23.03 -5.36 5.90
N ASP A 33 -23.04 -5.64 4.59
CA ASP A 33 -21.83 -5.71 3.76
C ASP A 33 -21.49 -4.30 3.31
N ASP A 34 -20.21 -4.04 3.14
CA ASP A 34 -19.75 -2.72 2.73
C ASP A 34 -20.11 -2.51 1.27
N ARG A 35 -20.55 -1.31 0.94
CA ARG A 35 -20.93 -0.90 -0.42
C ARG A 35 -20.35 0.47 -0.70
N VAL A 36 -20.10 0.76 -1.97
CA VAL A 36 -19.37 1.97 -2.40
C VAL A 36 -20.33 3.01 -2.96
N VAL A 37 -20.01 4.27 -2.72
CA VAL A 37 -20.61 5.39 -3.46
C VAL A 37 -19.51 6.40 -3.73
N LEU A 38 -19.60 7.03 -4.88
CA LEU A 38 -18.59 8.00 -5.29
C LEU A 38 -19.17 9.41 -5.23
N GLY A 39 -18.29 10.40 -5.24
CA GLY A 39 -18.69 11.80 -5.38
C GLY A 39 -18.93 12.18 -6.83
N THR A 40 -19.55 13.35 -7.04
CA THR A 40 -19.90 13.87 -8.38
C THR A 40 -18.72 14.60 -9.03
N ALA A 41 -17.54 14.62 -8.42
CA ALA A 41 -16.40 15.39 -8.95
C ALA A 41 -15.31 14.41 -9.36
N ALA A 42 -14.63 14.71 -10.44
CA ALA A 42 -13.41 14.02 -10.87
C ALA A 42 -12.26 15.00 -10.78
N PHE A 43 -11.19 14.63 -10.07
CA PHE A 43 -10.01 15.49 -9.87
C PHE A 43 -8.84 14.92 -10.66
N SER A 44 -8.15 15.78 -11.37
CA SER A 44 -6.95 15.42 -12.15
C SER A 44 -5.81 16.42 -11.88
N LYS A 45 -6.12 17.58 -11.32
CA LYS A 45 -5.10 18.62 -10.97
C LYS A 45 -5.49 19.29 -9.66
N GLY A 46 -4.53 20.00 -9.07
CA GLY A 46 -4.74 20.88 -7.92
C GLY A 46 -4.86 20.12 -6.63
N VAL A 47 -5.31 20.81 -5.60
CA VAL A 47 -5.30 20.29 -4.23
C VAL A 47 -6.73 20.41 -3.71
N HIS A 48 -7.24 19.34 -3.20
CA HIS A 48 -8.66 19.17 -2.83
C HIS A 48 -8.73 18.65 -1.43
N TYR A 49 -9.66 19.20 -0.65
CA TYR A 49 -9.88 18.71 0.71
C TYR A 49 -11.37 18.62 0.95
N TRP A 50 -11.83 17.56 1.53
CA TRP A 50 -13.24 17.42 1.92
C TRP A 50 -13.34 16.67 3.22
N GLU A 51 -14.51 16.73 3.84
CA GLU A 51 -14.71 16.02 5.10
C GLU A 51 -15.98 15.21 5.08
N LEU A 52 -15.99 14.12 5.85
CA LEU A 52 -17.19 13.31 6.09
C LEU A 52 -17.46 13.32 7.58
N HIS A 53 -18.62 13.81 7.96
CA HIS A 53 -19.05 13.81 9.35
C HIS A 53 -19.70 12.46 9.62
N VAL A 54 -19.33 11.83 10.70
CA VAL A 54 -19.89 10.51 11.05
C VAL A 54 -21.16 10.78 11.85
N ASP A 55 -22.30 10.73 11.18
CA ASP A 55 -23.62 11.04 11.79
C ASP A 55 -23.97 9.89 12.72
N ARG A 56 -23.60 8.68 12.29
CA ARG A 56 -24.01 7.46 13.03
C ARG A 56 -22.90 6.43 12.86
N TYR A 57 -22.50 5.87 13.99
CA TYR A 57 -21.52 4.78 14.02
C TYR A 57 -21.99 3.83 15.11
N ASP A 58 -22.61 2.73 14.69
CA ASP A 58 -23.15 1.73 15.63
C ASP A 58 -22.33 0.44 15.51
N ASN A 59 -22.14 -0.25 16.60
CA ASN A 59 -21.42 -1.55 16.61
C ASN A 59 -19.99 -1.32 16.18
N HIS A 60 -19.39 -2.18 15.31
CA HIS A 60 -17.94 -2.11 15.10
C HIS A 60 -17.58 -2.23 13.62
N PRO A 61 -18.25 -1.50 12.72
CA PRO A 61 -17.92 -1.55 11.31
C PRO A 61 -16.65 -0.81 10.95
N ASP A 62 -16.22 -1.00 9.70
CA ASP A 62 -14.99 -0.43 9.15
C ASP A 62 -15.35 0.37 7.90
N PRO A 63 -16.07 1.50 8.07
CA PRO A 63 -16.26 2.39 6.94
C PRO A 63 -14.93 2.82 6.38
N ALA A 64 -14.90 3.07 5.09
CA ALA A 64 -13.67 3.47 4.40
C ALA A 64 -13.88 4.71 3.59
N PHE A 65 -12.80 5.49 3.50
CA PHE A 65 -12.80 6.85 2.97
C PHE A 65 -11.63 7.00 2.06
N GLY A 66 -11.78 7.63 0.93
CA GLY A 66 -10.62 7.85 0.07
C GLY A 66 -11.00 8.31 -1.29
N VAL A 67 -10.33 7.76 -2.28
CA VAL A 67 -10.47 8.16 -3.69
C VAL A 67 -10.43 6.91 -4.53
N ALA A 68 -11.04 6.98 -5.70
CA ALA A 68 -11.14 5.79 -6.54
C ALA A 68 -11.16 6.19 -8.00
N ARG A 69 -10.83 5.23 -8.86
CA ARG A 69 -11.21 5.24 -10.26
C ARG A 69 -12.71 4.93 -10.37
N ALA A 70 -13.35 5.41 -11.41
CA ALA A 70 -14.77 5.17 -11.67
C ALA A 70 -15.07 3.66 -11.69
N SER A 71 -14.13 2.84 -12.15
CA SER A 71 -14.35 1.37 -12.35
C SER A 71 -14.15 0.56 -11.05
N VAL A 72 -13.97 1.21 -9.91
CA VAL A 72 -13.80 0.53 -8.60
C VAL A 72 -14.97 -0.43 -8.38
N VAL A 73 -14.71 -1.60 -7.84
CA VAL A 73 -15.79 -2.56 -7.50
CA VAL A 73 -15.78 -2.57 -7.47
C VAL A 73 -16.67 -1.91 -6.42
N LYS A 74 -17.98 -2.03 -6.59
CA LYS A 74 -18.91 -1.22 -5.72
C LYS A 74 -19.46 -2.05 -4.56
N ASP A 75 -19.14 -3.36 -4.49
CA ASP A 75 -19.81 -4.24 -3.50
C ASP A 75 -18.81 -4.75 -2.48
N MET A 76 -17.68 -4.08 -2.36
CA MET A 76 -16.63 -4.44 -1.40
C MET A 76 -16.09 -3.17 -0.79
N MET A 77 -15.49 -3.31 0.38
CA MET A 77 -14.78 -2.21 1.06
C MET A 77 -13.81 -1.53 0.08
N LEU A 78 -13.72 -0.19 0.16
CA LEU A 78 -12.76 0.56 -0.64
C LEU A 78 -11.35 0.09 -0.33
N GLY A 79 -10.55 -0.14 -1.38
CA GLY A 79 -9.16 -0.55 -1.22
C GLY A 79 -9.00 -2.04 -1.33
N LYS A 80 -10.10 -2.80 -1.48
CA LYS A 80 -9.98 -4.27 -1.70
C LYS A 80 -9.49 -4.55 -3.13
N ASP A 81 -9.74 -3.65 -4.07
CA ASP A 81 -9.24 -3.80 -5.46
C ASP A 81 -8.17 -2.77 -5.71
N ASP A 82 -7.65 -2.76 -6.92
CA ASP A 82 -6.51 -1.93 -7.32
C ASP A 82 -7.02 -0.56 -7.82
N LYS A 83 -8.28 -0.21 -7.56
CA LYS A 83 -8.87 1.01 -8.14
C LYS A 83 -9.28 2.00 -7.05
N ALA A 84 -8.91 1.78 -5.81
CA ALA A 84 -9.25 2.72 -4.73
C ALA A 84 -8.14 2.72 -3.73
N TRP A 85 -7.96 3.88 -3.12
CA TRP A 85 -6.93 4.17 -2.11
C TRP A 85 -7.63 4.72 -0.92
N ALA A 86 -7.61 4.02 0.18
CA ALA A 86 -8.56 4.30 1.27
C ALA A 86 -7.95 4.17 2.63
N MET A 87 -8.58 4.82 3.58
CA MET A 87 -8.40 4.57 5.00
C MET A 87 -9.68 3.95 5.50
N TYR A 88 -9.63 2.77 6.09
CA TYR A 88 -10.79 2.21 6.78
C TYR A 88 -10.55 2.32 8.25
N VAL A 89 -11.61 2.49 8.99
CA VAL A 89 -11.46 2.92 10.38
C VAL A 89 -12.66 2.48 11.19
N ASP A 90 -12.41 2.01 12.39
CA ASP A 90 -13.47 1.62 13.32
C ASP A 90 -13.37 2.54 14.53
N ASN A 91 -13.92 2.14 15.63
CA ASN A 91 -13.90 3.00 16.86
C ASN A 91 -12.50 3.04 17.45
N ASN A 92 -11.56 2.16 17.06
CA ASN A 92 -10.26 2.00 17.75
C ASN A 92 -9.10 2.47 16.89
N ARG A 93 -9.11 2.22 15.59
CA ARG A 93 -7.91 2.24 14.77
C ARG A 93 -8.26 2.38 13.30
N SER A 94 -7.34 2.88 12.50
CA SER A 94 -7.43 2.91 11.06
C SER A 94 -6.33 2.06 10.41
N TRP A 95 -6.61 1.67 9.20
CA TRP A 95 -5.64 1.10 8.26
C TRP A 95 -5.73 1.88 6.97
N PHE A 96 -4.64 1.91 6.24
CA PHE A 96 -4.68 2.28 4.83
C PHE A 96 -4.69 1.02 3.99
N MET A 97 -5.47 1.06 2.93
CA MET A 97 -5.69 -0.14 2.11
C MET A 97 -5.72 0.25 0.66
N HIS A 98 -5.10 -0.58 -0.13
CA HIS A 98 -5.13 -0.50 -1.59
C HIS A 98 -4.76 -1.88 -2.08
N CYS A 99 -5.48 -2.39 -3.09
CA CYS A 99 -5.12 -3.68 -3.67
C CYS A 99 -5.16 -4.76 -2.61
N ASN A 100 -6.05 -4.62 -1.63
CA ASN A 100 -6.28 -5.60 -0.53
C ASN A 100 -5.02 -5.79 0.29
N SER A 101 -4.20 -4.77 0.41
CA SER A 101 -2.92 -4.73 1.17
CA SER A 101 -2.97 -4.80 1.23
C SER A 101 -3.04 -3.66 2.24
N HIS A 102 -2.74 -4.03 3.46
CA HIS A 102 -2.88 -3.19 4.67
C HIS A 102 -1.54 -2.55 5.01
N THR A 103 -1.55 -1.22 5.22
CA THR A 103 -0.35 -0.48 5.63
C THR A 103 -0.74 0.50 6.73
N ASN A 104 0.23 0.91 7.54
CA ASN A 104 0.09 2.08 8.45
C ASN A 104 -1.11 1.96 9.34
N ARG A 105 -1.20 0.89 10.12
CA ARG A 105 -2.16 0.87 11.21
C ARG A 105 -1.92 2.07 12.13
N THR A 106 -2.97 2.80 12.41
CA THR A 106 -2.87 4.00 13.27
C THR A 106 -3.90 3.90 14.36
N GLU A 107 -3.47 4.08 15.61
CA GLU A 107 -4.40 4.02 16.73
C GLU A 107 -5.30 5.26 16.71
N GLY A 108 -6.55 5.13 17.12
CA GLY A 108 -7.50 6.25 17.12
C GLY A 108 -8.44 6.12 15.97
N GLY A 109 -9.72 6.06 16.29
CA GLY A 109 -10.68 5.78 15.24
C GLY A 109 -11.74 6.85 15.17
N VAL A 110 -12.90 6.43 14.76
CA VAL A 110 -14.07 7.31 14.58
C VAL A 110 -15.17 6.84 15.51
N CYS A 111 -16.18 7.68 15.64
CA CYS A 111 -17.39 7.42 16.42
C CYS A 111 -18.41 8.44 15.95
N LYS A 112 -19.60 8.33 16.44
CA LYS A 112 -20.64 9.32 16.16
C LYS A 112 -20.10 10.72 16.49
N GLY A 113 -20.16 11.64 15.55
CA GLY A 113 -19.72 13.02 15.78
C GLY A 113 -18.26 13.28 15.32
N ALA A 114 -17.51 12.24 14.96
CA ALA A 114 -16.16 12.39 14.40
C ALA A 114 -16.25 12.93 12.98
N THR A 115 -15.18 13.56 12.51
CA THR A 115 -15.07 13.98 11.10
CA THR A 115 -15.06 13.99 11.11
C THR A 115 -13.82 13.34 10.51
N VAL A 116 -13.95 12.82 9.31
CA VAL A 116 -12.82 12.32 8.52
C VAL A 116 -12.52 13.36 7.45
N GLY A 117 -11.25 13.73 7.32
CA GLY A 117 -10.83 14.63 6.25
C GLY A 117 -9.96 13.91 5.24
N VAL A 118 -10.16 14.21 3.98
CA VAL A 118 -9.44 13.55 2.86
C VAL A 118 -8.77 14.66 2.09
N LEU A 119 -7.44 14.59 1.93
CA LEU A 119 -6.66 15.64 1.27
C LEU A 119 -6.00 15.02 0.05
N LEU A 120 -6.53 15.29 -1.11
CA LEU A 120 -5.95 14.77 -2.37
C LEU A 120 -5.15 15.88 -3.03
N ASP A 121 -3.84 15.76 -2.96
CA ASP A 121 -2.92 16.79 -3.47
C ASP A 121 -2.31 16.28 -4.76
N LEU A 122 -2.85 16.73 -5.89
CA LEU A 122 -2.34 16.30 -7.21
C LEU A 122 -1.25 17.22 -7.71
N ASN A 123 -0.81 18.18 -6.91
CA ASN A 123 0.44 18.90 -7.18
C ASN A 123 1.59 18.04 -6.65
N LYS A 124 1.47 17.55 -5.43
CA LYS A 124 2.51 16.73 -4.76
C LYS A 124 2.29 15.25 -5.08
N HIS A 125 1.09 14.90 -5.59
CA HIS A 125 0.70 13.50 -5.92
C HIS A 125 0.62 12.69 -4.64
N THR A 126 -0.13 13.16 -3.64
CA THR A 126 -0.28 12.48 -2.37
C THR A 126 -1.74 12.43 -1.93
N LEU A 127 -2.02 11.42 -1.11
CA LEU A 127 -3.29 11.27 -0.40
C LEU A 127 -3.03 11.21 1.08
N THR A 128 -3.71 12.07 1.84
CA THR A 128 -3.51 12.22 3.30
C THR A 128 -4.86 12.24 3.98
N PHE A 129 -4.96 11.61 5.12
CA PHE A 129 -6.19 11.52 5.92
C PHE A 129 -6.04 12.26 7.21
N PHE A 130 -7.19 12.72 7.70
CA PHE A 130 -7.35 13.46 8.96
C PHE A 130 -8.51 12.87 9.70
N ILE A 131 -8.44 12.89 11.02
CA ILE A 131 -9.61 12.62 11.87
C ILE A 131 -9.69 13.76 12.88
N ASN A 132 -10.85 14.36 12.98
CA ASN A 132 -11.10 15.44 13.95
C ASN A 132 -10.00 16.50 13.85
N GLY A 133 -9.60 16.83 12.64
CA GLY A 133 -8.71 17.96 12.31
C GLY A 133 -7.23 17.60 12.41
N GLN A 134 -6.91 16.40 12.84
CA GLN A 134 -5.54 15.94 13.12
C GLN A 134 -5.16 14.91 12.04
N GLN A 135 -3.96 15.02 11.50
CA GLN A 135 -3.53 14.08 10.46
C GLN A 135 -3.50 12.69 11.07
N GLN A 136 -4.01 11.72 10.36
CA GLN A 136 -4.10 10.31 10.81
C GLN A 136 -3.01 9.54 10.10
N GLY A 137 -1.93 9.28 10.80
CA GLY A 137 -0.83 8.51 10.22
C GLY A 137 0.03 9.37 9.32
N PRO A 138 1.05 8.80 8.68
CA PRO A 138 1.80 9.50 7.67
C PRO A 138 0.99 9.68 6.41
N THR A 139 1.56 10.42 5.48
CA THR A 139 0.97 10.51 4.14
C THR A 139 0.60 9.10 3.69
N ALA A 140 -0.62 8.87 3.31
CA ALA A 140 -1.12 7.46 3.11
C ALA A 140 -0.55 6.87 1.84
N PHE A 141 -0.64 7.59 0.72
CA PHE A 141 -0.17 7.11 -0.59
C PHE A 141 0.51 8.25 -1.31
N SER A 142 1.60 7.94 -1.99
CA SER A 142 2.40 8.93 -2.75
C SER A 142 2.53 8.49 -4.19
N HIS A 143 2.98 9.41 -5.03
CA HIS A 143 3.11 9.20 -6.48
C HIS A 143 1.75 8.76 -7.04
N VAL A 144 0.65 9.32 -6.54
CA VAL A 144 -0.72 8.98 -7.03
C VAL A 144 -0.96 9.83 -8.26
N ASP A 145 -1.44 9.22 -9.34
CA ASP A 145 -1.54 9.91 -10.64
C ASP A 145 -2.88 9.61 -11.27
N GLY A 146 -3.23 10.39 -12.29
CA GLY A 146 -4.46 10.23 -13.05
C GLY A 146 -5.65 10.91 -12.39
N VAL A 147 -6.82 10.38 -12.68
CA VAL A 147 -8.13 11.00 -12.38
C VAL A 147 -8.76 10.24 -11.24
N PHE A 148 -9.20 10.94 -10.20
CA PHE A 148 -9.74 10.35 -8.97
C PHE A 148 -11.11 10.93 -8.69
N MET A 149 -11.98 10.07 -8.21
CA MET A 149 -13.26 10.52 -7.65
CA MET A 149 -13.31 10.43 -7.66
C MET A 149 -13.24 10.29 -6.16
N PRO A 150 -13.85 11.20 -5.40
CA PRO A 150 -14.03 10.96 -3.98
C PRO A 150 -14.83 9.68 -3.79
N ALA A 151 -14.47 8.90 -2.79
CA ALA A 151 -15.06 7.58 -2.57
C ALA A 151 -15.35 7.33 -1.11
N LEU A 152 -16.34 6.49 -0.87
CA LEU A 152 -16.80 6.07 0.45
C LEU A 152 -17.20 4.61 0.31
N SER A 153 -16.95 3.81 1.32
CA SER A 153 -17.68 2.54 1.50
C SER A 153 -18.20 2.50 2.93
N LEU A 154 -19.40 1.98 3.10
CA LEU A 154 -19.96 1.81 4.43
C LEU A 154 -21.06 0.77 4.37
N ASN A 155 -21.54 0.42 5.54
CA ASN A 155 -22.65 -0.53 5.66
C ASN A 155 -23.74 0.13 6.50
N ARG A 156 -24.73 -0.63 6.93
CA ARG A 156 -25.95 -0.06 7.54
C ARG A 156 -25.65 0.44 8.96
N ASN A 157 -24.47 0.16 9.51
CA ASN A 157 -24.12 0.61 10.87
C ASN A 157 -23.52 2.01 10.83
N VAL A 158 -23.44 2.63 9.66
CA VAL A 158 -22.77 3.95 9.53
C VAL A 158 -23.64 4.87 8.67
N GLN A 159 -23.67 6.16 9.03
CA GLN A 159 -24.19 7.20 8.17
C GLN A 159 -23.18 8.35 8.17
N VAL A 160 -22.89 8.90 7.02
CA VAL A 160 -21.94 10.04 6.94
C VAL A 160 -22.59 11.16 6.13
N THR A 161 -22.20 12.38 6.45
CA THR A 161 -22.59 13.57 5.70
C THR A 161 -21.34 14.25 5.14
N LEU A 162 -21.39 14.58 3.87
CA LEU A 162 -20.27 15.16 3.11
C LEU A 162 -20.24 16.67 3.34
N HIS A 163 -19.08 17.21 3.59
CA HIS A 163 -18.79 18.65 3.72
C HIS A 163 -17.73 18.97 2.66
N THR A 164 -18.08 19.80 1.67
CA THR A 164 -17.13 20.08 0.57
C THR A 164 -17.03 21.60 0.40
N GLY A 165 -16.36 22.04 -0.65
CA GLY A 165 -15.92 23.44 -0.81
C GLY A 165 -15.14 23.91 0.41
N LEU A 166 -14.25 23.05 0.93
CA LEU A 166 -13.46 23.35 2.16
C LEU A 166 -12.06 23.78 1.77
N GLU A 167 -11.60 24.88 2.34
CA GLU A 167 -10.20 25.34 2.21
C GLU A 167 -9.28 24.16 2.57
N VAL A 168 -8.21 23.98 1.81
CA VAL A 168 -7.11 23.06 2.19
C VAL A 168 -6.55 23.58 3.51
N PRO A 169 -6.34 22.71 4.52
CA PRO A 169 -5.59 23.10 5.72
C PRO A 169 -4.18 23.62 5.39
N MET B 2 12.05 -16.66 15.67
CA MET B 2 12.55 -16.11 14.35
C MET B 2 13.70 -16.98 13.84
N ASP B 3 13.56 -17.48 12.62
CA ASP B 3 14.48 -18.46 11.97
C ASP B 3 15.19 -17.75 10.82
N VAL B 4 16.52 -17.84 10.73
CA VAL B 4 17.23 -17.51 9.47
C VAL B 4 16.73 -18.47 8.39
N ALA B 5 16.30 -17.95 7.24
CA ALA B 5 15.89 -18.76 6.07
C ALA B 5 17.09 -18.96 5.15
N TRP B 6 17.49 -20.21 4.90
CA TRP B 6 18.71 -20.55 4.10
C TRP B 6 18.31 -20.99 2.69
N PHE B 7 18.72 -20.26 1.67
CA PHE B 7 18.24 -20.46 0.28
C PHE B 7 19.23 -19.75 -0.65
N THR B 8 19.12 -19.99 -1.95
CA THR B 8 19.88 -19.25 -2.96
C THR B 8 18.93 -18.60 -3.95
N PHE B 9 19.49 -17.89 -4.90
CA PHE B 9 18.71 -17.41 -6.04
C PHE B 9 18.35 -18.62 -6.89
N ASP B 10 17.16 -18.59 -7.43
CA ASP B 10 16.61 -19.70 -8.22
C ASP B 10 16.92 -19.43 -9.68
N PRO B 11 17.82 -20.21 -10.29
CA PRO B 11 18.19 -19.97 -11.68
C PRO B 11 17.03 -20.21 -12.65
N ASN B 12 15.92 -20.82 -12.19
CA ASN B 12 14.73 -21.12 -13.03
C ASN B 12 13.65 -20.07 -12.80
N SER B 13 13.87 -19.11 -11.93
CA SER B 13 12.81 -18.21 -11.42
C SER B 13 13.21 -16.76 -11.62
N GLY B 14 13.96 -16.46 -12.65
CA GLY B 14 14.55 -15.13 -12.82
C GLY B 14 14.47 -14.71 -14.26
N HIS B 15 14.26 -13.43 -14.50
CA HIS B 15 14.40 -12.85 -15.86
C HIS B 15 15.71 -13.33 -16.49
N ARG B 16 15.72 -13.54 -17.80
CA ARG B 16 16.93 -13.99 -18.51
C ARG B 16 18.05 -12.93 -18.39
N ASP B 17 17.76 -11.66 -18.10
CA ASP B 17 18.82 -10.63 -17.98
C ASP B 17 19.51 -10.74 -16.63
N ILE B 18 18.90 -11.44 -15.67
CA ILE B 18 19.55 -11.67 -14.35
C ILE B 18 20.81 -12.50 -14.57
N ILE B 19 21.88 -12.13 -13.90
CA ILE B 19 23.16 -12.89 -13.91
C ILE B 19 23.41 -13.42 -12.51
N LEU B 20 23.44 -14.74 -12.35
CA LEU B 20 23.73 -15.39 -11.06
C LEU B 20 25.18 -15.85 -11.05
N SER B 21 25.83 -15.75 -9.91
CA SER B 21 27.21 -16.24 -9.71
C SER B 21 27.37 -16.74 -8.28
N ASN B 22 28.53 -17.31 -7.96
CA ASN B 22 28.89 -17.67 -6.57
C ASN B 22 27.89 -18.72 -6.07
N ASP B 23 27.69 -19.80 -6.83
CA ASP B 23 26.81 -20.93 -6.42
C ASP B 23 25.40 -20.36 -6.22
N ASN B 24 25.01 -19.42 -7.08
CA ASN B 24 23.67 -18.78 -7.09
C ASN B 24 23.44 -17.96 -5.82
N GLN B 25 24.51 -17.52 -5.15
CA GLN B 25 24.35 -16.68 -3.94
C GLN B 25 24.41 -15.20 -4.32
N THR B 26 24.88 -14.90 -5.52
CA THR B 26 25.14 -13.53 -5.97
C THR B 26 24.31 -13.25 -7.23
N ALA B 27 23.74 -12.06 -7.30
CA ALA B 27 22.94 -11.63 -8.46
C ALA B 27 23.37 -10.24 -8.90
N THR B 28 23.40 -10.06 -10.20
CA THR B 28 23.34 -8.72 -10.82
C THR B 28 22.48 -8.88 -12.07
N CYS B 29 22.55 -7.93 -12.96
CA CYS B 29 21.68 -7.90 -14.15
C CYS B 29 22.45 -7.32 -15.32
N SER B 30 22.13 -7.74 -16.54
CA SER B 30 22.79 -7.22 -17.77
C SER B 30 22.11 -5.92 -18.21
N SER B 31 20.86 -5.71 -17.78
CA SER B 31 19.99 -4.60 -18.21
C SER B 31 20.13 -3.41 -17.28
N TYR B 32 19.96 -2.20 -17.80
CA TYR B 32 19.81 -0.99 -16.96
C TYR B 32 18.37 -0.91 -16.43
N ASP B 33 17.48 -1.74 -16.95
CA ASP B 33 16.08 -1.85 -16.48
C ASP B 33 16.07 -2.89 -15.38
N ASP B 34 15.17 -2.72 -14.43
CA ASP B 34 15.07 -3.61 -13.27
C ASP B 34 14.51 -4.96 -13.72
N ARG B 35 15.07 -6.03 -13.19
CA ARG B 35 14.59 -7.40 -13.45
C ARG B 35 14.52 -8.16 -12.13
N VAL B 36 13.69 -9.18 -12.08
CA VAL B 36 13.40 -9.97 -10.85
C VAL B 36 14.13 -11.31 -10.86
N VAL B 37 14.57 -11.72 -9.69
CA VAL B 37 14.91 -13.14 -9.43
C VAL B 37 14.35 -13.52 -8.06
N LEU B 38 13.91 -14.77 -7.94
CA LEU B 38 13.33 -15.25 -6.69
C LEU B 38 14.33 -16.16 -5.97
N GLY B 39 14.02 -16.48 -4.73
CA GLY B 39 14.80 -17.43 -3.92
C GLY B 39 14.29 -18.83 -4.06
N THR B 40 15.11 -19.79 -3.67
CA THR B 40 14.80 -21.24 -3.68
C THR B 40 14.06 -21.64 -2.39
N ALA B 41 13.05 -20.94 -2.01
CA ALA B 41 12.30 -21.23 -0.77
C ALA B 41 10.93 -20.61 -0.90
N ALA B 42 9.93 -21.20 -0.27
CA ALA B 42 8.59 -20.63 -0.14
C ALA B 42 8.19 -20.78 1.32
N PHE B 43 7.47 -19.81 1.83
CA PHE B 43 7.09 -19.73 3.25
C PHE B 43 5.58 -19.58 3.30
N SER B 44 4.96 -20.27 4.25
CA SER B 44 3.52 -20.09 4.55
C SER B 44 3.26 -19.98 6.05
N LYS B 45 4.19 -20.44 6.88
CA LYS B 45 4.04 -20.45 8.36
C LYS B 45 5.36 -20.07 9.01
N GLY B 46 5.28 -19.55 10.23
CA GLY B 46 6.47 -19.26 11.06
C GLY B 46 7.09 -17.93 10.72
N VAL B 47 8.27 -17.71 11.26
CA VAL B 47 8.95 -16.41 11.17
C VAL B 47 10.28 -16.64 10.48
N HIS B 48 10.55 -15.86 9.47
CA HIS B 48 11.71 -16.06 8.57
C HIS B 48 12.44 -14.76 8.37
N TYR B 49 13.76 -14.83 8.44
CA TYR B 49 14.59 -13.63 8.31
C TYR B 49 15.72 -13.96 7.37
N TRP B 50 16.08 -13.04 6.48
CA TRP B 50 17.26 -13.21 5.63
C TRP B 50 17.85 -11.86 5.32
N GLU B 51 19.09 -11.87 4.84
CA GLU B 51 19.82 -10.63 4.56
C GLU B 51 20.44 -10.68 3.19
N LEU B 52 20.52 -9.52 2.55
CA LEU B 52 21.14 -9.36 1.24
C LEU B 52 22.25 -8.31 1.40
N HIS B 53 23.45 -8.63 1.04
CA HIS B 53 24.61 -7.70 1.15
C HIS B 53 24.71 -6.93 -0.16
N VAL B 54 24.86 -5.61 -0.09
CA VAL B 54 25.02 -4.81 -1.33
C VAL B 54 26.50 -4.80 -1.71
N ASP B 55 26.89 -5.63 -2.66
CA ASP B 55 28.31 -5.80 -3.05
C ASP B 55 28.74 -4.57 -3.83
N ARG B 56 27.83 -4.04 -4.63
CA ARG B 56 28.13 -2.99 -5.62
C ARG B 56 26.87 -2.15 -5.78
N TYR B 57 27.03 -0.84 -5.74
CA TYR B 57 25.92 0.15 -5.85
C TYR B 57 26.48 1.35 -6.60
N ASP B 58 26.23 1.38 -7.90
CA ASP B 58 26.78 2.43 -8.78
C ASP B 58 25.66 3.38 -9.18
N ASN B 59 25.95 4.67 -9.27
CA ASN B 59 24.90 5.68 -9.61
C ASN B 59 23.79 5.63 -8.56
N HIS B 60 22.51 5.72 -8.95
CA HIS B 60 21.43 5.89 -7.96
C HIS B 60 20.24 5.05 -8.33
N PRO B 61 20.44 3.74 -8.52
CA PRO B 61 19.32 2.84 -8.80
C PRO B 61 18.47 2.57 -7.57
N ASP B 62 17.35 1.90 -7.82
CA ASP B 62 16.41 1.52 -6.77
C ASP B 62 16.24 0.01 -6.78
N PRO B 63 17.27 -0.75 -6.35
CA PRO B 63 17.06 -2.18 -6.12
C PRO B 63 15.91 -2.37 -5.15
N ALA B 64 15.18 -3.47 -5.29
CA ALA B 64 14.02 -3.75 -4.44
C ALA B 64 14.14 -5.14 -3.85
N PHE B 65 13.68 -5.24 -2.61
CA PHE B 65 13.85 -6.43 -1.75
C PHE B 65 12.49 -6.76 -1.20
N GLY B 66 12.11 -8.04 -1.18
CA GLY B 66 10.90 -8.38 -0.46
C GLY B 66 10.49 -9.79 -0.67
N VAL B 67 9.21 -9.96 -0.92
CA VAL B 67 8.65 -11.31 -1.18
C VAL B 67 7.67 -11.24 -2.33
N ALA B 68 7.38 -12.38 -2.92
CA ALA B 68 6.54 -12.43 -4.13
C ALA B 68 5.83 -13.75 -4.23
N ARG B 69 4.78 -13.74 -5.02
CA ARG B 69 4.21 -14.96 -5.62
C ARG B 69 5.13 -15.41 -6.76
N ALA B 70 5.15 -16.68 -7.08
CA ALA B 70 5.99 -17.22 -8.16
C ALA B 70 5.64 -16.58 -9.51
N SER B 71 4.38 -16.18 -9.73
CA SER B 71 3.95 -15.61 -11.03
C SER B 71 4.15 -14.10 -11.11
N VAL B 72 4.92 -13.50 -10.20
CA VAL B 72 5.29 -12.05 -10.28
C VAL B 72 5.89 -11.76 -11.65
N VAL B 73 5.56 -10.60 -12.24
CA VAL B 73 6.21 -10.15 -13.51
C VAL B 73 7.71 -10.00 -13.25
N LYS B 74 8.55 -10.48 -14.15
CA LYS B 74 10.02 -10.55 -13.88
C LYS B 74 10.78 -9.40 -14.54
N ASP B 75 10.11 -8.53 -15.30
CA ASP B 75 10.78 -7.50 -16.13
C ASP B 75 10.48 -6.11 -15.58
N MET B 76 10.08 -6.00 -14.32
CA MET B 76 9.70 -4.74 -13.67
C MET B 76 10.19 -4.78 -12.24
N MET B 77 10.44 -3.61 -11.65
CA MET B 77 10.75 -3.51 -10.23
C MET B 77 9.74 -4.29 -9.40
N LEU B 78 10.21 -4.94 -8.36
CA LEU B 78 9.35 -5.65 -7.39
C LEU B 78 8.35 -4.67 -6.81
N GLY B 79 7.08 -5.06 -6.77
CA GLY B 79 6.03 -4.22 -6.19
C GLY B 79 5.28 -3.47 -7.23
N LYS B 80 5.69 -3.51 -8.50
CA LYS B 80 4.92 -2.83 -9.57
C LYS B 80 3.62 -3.60 -9.86
N ASP B 81 3.57 -4.92 -9.64
CA ASP B 81 2.31 -5.69 -9.78
C ASP B 81 1.76 -6.09 -8.40
N ASP B 82 0.67 -6.83 -8.42
CA ASP B 82 -0.09 -7.26 -7.22
C ASP B 82 0.50 -8.55 -6.65
N LYS B 83 1.68 -8.95 -7.09
CA LYS B 83 2.27 -10.26 -6.73
C LYS B 83 3.56 -10.10 -5.98
N ALA B 84 3.94 -8.89 -5.59
CA ALA B 84 5.16 -8.70 -4.82
C ALA B 84 4.97 -7.55 -3.85
N TRP B 85 5.64 -7.66 -2.74
CA TRP B 85 5.63 -6.73 -1.58
C TRP B 85 7.06 -6.37 -1.30
N ALA B 86 7.41 -5.10 -1.42
CA ALA B 86 8.84 -4.78 -1.53
C ALA B 86 9.19 -3.47 -0.89
N MET B 87 10.44 -3.37 -0.51
CA MET B 87 11.11 -2.09 -0.25
C MET B 87 12.05 -1.82 -1.39
N TYR B 88 11.91 -0.67 -2.07
CA TYR B 88 12.94 -0.21 -3.01
C TYR B 88 13.70 0.89 -2.36
N VAL B 89 14.99 0.95 -2.63
CA VAL B 89 15.85 1.80 -1.80
C VAL B 89 17.05 2.24 -2.64
N ASP B 90 17.39 3.50 -2.54
CA ASP B 90 18.59 4.02 -3.20
C ASP B 90 19.59 4.45 -2.11
N ASN B 91 20.55 5.29 -2.43
CA ASN B 91 21.56 5.68 -1.43
C ASN B 91 20.96 6.61 -0.36
N ASN B 92 19.77 7.18 -0.57
CA ASN B 92 19.22 8.22 0.31
C ASN B 92 17.98 7.78 1.08
N ARG B 93 17.13 6.94 0.49
CA ARG B 93 15.77 6.77 1.01
C ARG B 93 15.17 5.47 0.48
N SER B 94 14.18 4.96 1.18
CA SER B 94 13.39 3.82 0.74
C SER B 94 11.92 4.20 0.57
N TRP B 95 11.25 3.38 -0.19
CA TRP B 95 9.79 3.32 -0.30
C TRP B 95 9.38 1.87 -0.08
N PHE B 96 8.16 1.67 0.36
CA PHE B 96 7.49 0.37 0.24
C PHE B 96 6.56 0.43 -0.95
N MET B 97 6.47 -0.68 -1.64
CA MET B 97 5.69 -0.70 -2.89
C MET B 97 4.98 -2.02 -3.03
N HIS B 98 3.75 -1.93 -3.42
CA HIS B 98 2.92 -3.11 -3.78
C HIS B 98 1.88 -2.60 -4.73
N CYS B 99 1.59 -3.37 -5.79
CA CYS B 99 0.51 -3.01 -6.71
C CYS B 99 0.77 -1.60 -7.27
N ASN B 100 2.04 -1.26 -7.46
CA ASN B 100 2.50 0.00 -8.04
C ASN B 100 2.03 1.20 -7.20
N SER B 101 1.85 1.01 -5.90
CA SER B 101 1.49 2.10 -4.97
C SER B 101 2.55 2.25 -3.92
N HIS B 102 2.92 3.51 -3.68
CA HIS B 102 4.08 3.90 -2.86
C HIS B 102 3.62 4.30 -1.49
N THR B 103 4.21 3.74 -0.45
CA THR B 103 3.88 4.08 0.96
C THR B 103 5.17 4.23 1.76
N ASN B 104 5.11 4.97 2.86
CA ASN B 104 6.17 4.99 3.90
C ASN B 104 7.54 5.29 3.30
N ARG B 105 7.68 6.42 2.66
CA ARG B 105 9.03 6.91 2.34
C ARG B 105 9.81 7.03 3.65
N THR B 106 11.00 6.50 3.68
CA THR B 106 11.85 6.51 4.88
C THR B 106 13.23 7.00 4.49
N GLU B 107 13.74 7.95 5.25
CA GLU B 107 15.08 8.49 5.00
C GLU B 107 16.10 7.43 5.37
N GLY B 108 17.21 7.41 4.64
CA GLY B 108 18.30 6.44 4.86
C GLY B 108 18.24 5.36 3.83
N GLY B 109 19.37 5.06 3.21
CA GLY B 109 19.38 4.07 2.13
C GLY B 109 20.54 3.12 2.21
N VAL B 110 20.93 2.61 1.06
CA VAL B 110 21.98 1.58 0.94
C VAL B 110 23.14 2.16 0.14
N CYS B 111 24.23 1.42 0.14
CA CYS B 111 25.45 1.73 -0.63
C CYS B 111 26.27 0.45 -0.55
N LYS B 112 27.38 0.40 -1.26
CA LYS B 112 28.28 -0.75 -1.17
C LYS B 112 28.58 -1.04 0.31
N GLY B 113 28.38 -2.28 0.77
CA GLY B 113 28.70 -2.65 2.16
C GLY B 113 27.47 -2.66 3.05
N ALA B 114 26.33 -2.13 2.60
CA ALA B 114 25.09 -2.13 3.39
C ALA B 114 24.49 -3.54 3.35
N THR B 115 23.69 -3.87 4.34
CA THR B 115 22.91 -5.11 4.34
CA THR B 115 22.91 -5.13 4.36
C THR B 115 21.43 -4.78 4.47
N VAL B 116 20.62 -5.44 3.67
CA VAL B 116 19.16 -5.34 3.77
C VAL B 116 18.67 -6.60 4.47
N GLY B 117 17.88 -6.44 5.50
CA GLY B 117 17.24 -7.57 6.20
C GLY B 117 15.74 -7.58 5.92
N VAL B 118 15.21 -8.75 5.66
CA VAL B 118 13.80 -8.98 5.34
C VAL B 118 13.27 -9.94 6.38
N LEU B 119 12.18 -9.55 7.05
CA LEU B 119 11.58 -10.30 8.16
C LEU B 119 10.14 -10.59 7.77
N LEU B 120 9.88 -11.84 7.42
CA LEU B 120 8.54 -12.27 7.02
C LEU B 120 7.98 -13.07 8.16
N ASP B 121 7.04 -12.45 8.88
CA ASP B 121 6.43 -13.05 10.09
C ASP B 121 5.04 -13.53 9.70
N LEU B 122 4.89 -14.84 9.49
CA LEU B 122 3.60 -15.40 9.07
C LEU B 122 2.86 -15.91 10.30
N ASN B 123 3.34 -15.63 11.50
CA ASN B 123 2.51 -15.75 12.71
C ASN B 123 1.70 -14.47 12.86
N LYS B 124 2.33 -13.32 12.72
CA LYS B 124 1.69 -11.99 12.88
C LYS B 124 1.19 -11.52 11.51
N HIS B 125 1.62 -12.15 10.43
CA HIS B 125 1.25 -11.83 9.02
C HIS B 125 1.78 -10.46 8.63
N THR B 126 3.06 -10.23 8.87
CA THR B 126 3.71 -8.95 8.60
C THR B 126 4.99 -9.12 7.82
N LEU B 127 5.36 -8.08 7.15
CA LEU B 127 6.64 -7.96 6.43
C LEU B 127 7.31 -6.71 6.92
N THR B 128 8.55 -6.84 7.33
CA THR B 128 9.33 -5.76 7.97
C THR B 128 10.73 -5.74 7.37
N PHE B 129 11.28 -4.56 7.18
CA PHE B 129 12.58 -4.39 6.54
C PHE B 129 13.55 -3.72 7.49
N PHE B 130 14.82 -4.06 7.27
CA PHE B 130 15.95 -3.61 8.09
C PHE B 130 17.05 -3.18 7.16
N ILE B 131 17.77 -2.16 7.57
CA ILE B 131 19.01 -1.78 6.85
C ILE B 131 20.11 -1.65 7.88
N ASN B 132 21.19 -2.38 7.68
CA ASN B 132 22.33 -2.42 8.62
C ASN B 132 21.81 -2.73 10.02
N GLY B 133 20.83 -3.66 10.09
CA GLY B 133 20.26 -4.23 11.34
C GLY B 133 19.30 -3.29 12.05
N GLN B 134 19.00 -2.11 11.48
CA GLN B 134 18.05 -1.15 12.07
C GLN B 134 16.75 -1.22 11.26
N GLN B 135 15.62 -1.31 11.94
CA GLN B 135 14.34 -1.41 11.24
C GLN B 135 14.17 -0.16 10.39
N GLN B 136 13.80 -0.34 9.13
CA GLN B 136 13.61 0.76 8.16
C GLN B 136 12.11 1.02 8.09
N GLY B 137 11.65 2.08 8.72
CA GLY B 137 10.24 2.45 8.64
C GLY B 137 9.40 1.61 9.57
N PRO B 138 8.08 1.80 9.52
CA PRO B 138 7.17 0.94 10.24
C PRO B 138 7.10 -0.41 9.56
N THR B 139 6.39 -1.32 10.19
CA THR B 139 5.99 -2.57 9.57
C THR B 139 5.52 -2.24 8.16
N ALA B 140 6.07 -2.85 7.15
CA ALA B 140 5.83 -2.44 5.74
C ALA B 140 4.43 -2.86 5.28
N PHE B 141 4.07 -4.12 5.50
CA PHE B 141 2.78 -4.67 5.05
C PHE B 141 2.26 -5.58 6.14
N SER B 142 0.97 -5.57 6.38
CA SER B 142 0.31 -6.36 7.42
C SER B 142 -0.84 -7.14 6.78
N HIS B 143 -1.30 -8.13 7.49
CA HIS B 143 -2.34 -9.06 7.01
C HIS B 143 -1.90 -9.69 5.70
N VAL B 144 -0.62 -10.06 5.59
CA VAL B 144 -0.09 -10.75 4.39
C VAL B 144 -0.41 -12.23 4.57
N ASP B 145 -0.90 -12.87 3.55
CA ASP B 145 -1.39 -14.26 3.65
CA ASP B 145 -1.40 -14.26 3.63
C ASP B 145 -0.90 -15.06 2.45
N GLY B 146 -1.02 -16.36 2.54
CA GLY B 146 -0.60 -17.24 1.47
C GLY B 146 0.87 -17.59 1.52
N VAL B 147 1.39 -17.95 0.36
CA VAL B 147 2.72 -18.55 0.19
C VAL B 147 3.61 -17.53 -0.46
N PHE B 148 4.79 -17.31 0.08
CA PHE B 148 5.70 -16.24 -0.35
C PHE B 148 7.07 -16.80 -0.65
N MET B 149 7.68 -16.27 -1.70
CA MET B 149 9.05 -16.57 -2.05
C MET B 149 9.90 -15.33 -1.81
N PRO B 150 11.13 -15.47 -1.33
CA PRO B 150 12.04 -14.33 -1.32
C PRO B 150 12.23 -13.80 -2.74
N ALA B 151 12.32 -12.48 -2.85
CA ALA B 151 12.37 -11.81 -4.15
C ALA B 151 13.34 -10.63 -4.08
N LEU B 152 13.92 -10.38 -5.23
CA LEU B 152 14.86 -9.25 -5.48
C LEU B 152 14.53 -8.71 -6.85
N SER B 153 14.65 -7.40 -7.03
CA SER B 153 14.80 -6.82 -8.36
C SER B 153 16.00 -5.87 -8.33
N LEU B 154 16.73 -5.84 -9.41
CA LEU B 154 17.85 -4.91 -9.55
C LEU B 154 18.25 -4.81 -11.01
N ASN B 155 19.12 -3.85 -11.27
CA ASN B 155 19.62 -3.59 -12.62
C ASN B 155 21.14 -3.68 -12.58
N ARG B 156 21.79 -3.33 -13.68
CA ARG B 156 23.24 -3.54 -13.89
C ARG B 156 24.07 -2.73 -12.89
N ASN B 157 23.50 -1.70 -12.27
CA ASN B 157 24.19 -0.81 -11.31
C ASN B 157 24.32 -1.45 -9.94
N VAL B 158 23.76 -2.67 -9.74
CA VAL B 158 23.75 -3.27 -8.41
C VAL B 158 24.21 -4.72 -8.49
N GLN B 159 24.99 -5.15 -7.50
CA GLN B 159 25.19 -6.59 -7.26
C GLN B 159 24.86 -6.87 -5.80
N VAL B 160 24.12 -7.94 -5.53
CA VAL B 160 23.88 -8.34 -4.12
C VAL B 160 24.28 -9.80 -3.92
N THR B 161 24.68 -10.09 -2.71
CA THR B 161 24.96 -11.46 -2.26
C THR B 161 24.04 -11.83 -1.13
N LEU B 162 23.42 -13.00 -1.15
CA LEU B 162 22.62 -13.48 -0.02
C LEU B 162 23.56 -13.77 1.14
N HIS B 163 23.23 -13.28 2.34
CA HIS B 163 24.13 -13.38 3.52
C HIS B 163 23.90 -14.71 4.22
N THR B 164 24.94 -15.57 4.22
CA THR B 164 25.05 -16.87 4.93
C THR B 164 26.06 -16.75 6.08
#